data_7CIY
#
_entry.id   7CIY
#
_cell.length_a   64.850
_cell.length_b   97.400
_cell.length_c   54.980
_cell.angle_alpha   90.000
_cell.angle_beta   90.000
_cell.angle_gamma   90.000
#
_symmetry.space_group_name_H-M   'P 21 21 2'
#
loop_
_entity.id
_entity.type
_entity.pdbx_description
1 polymer Tyrosinase
2 polymer MelC
3 non-polymer 'HYDROGEN PEROXIDE'
4 non-polymer 'COPPER (II) ION'
5 non-polymer 'NITRATE ION'
6 water water
#
loop_
_entity_poly.entity_id
_entity_poly.type
_entity_poly.pdbx_seq_one_letter_code
_entity_poly.pdbx_strand_id
1 'polypeptide(L)'
;MTVRKNQATLTADEKRRFVAAVLELKRSGRYDEFVRTHNEFIMSDTDSGERTGHRSPSFLPWHRRFLLDFEQALQSVDSS
VTLPYWDWSADRTVRASLWAPDFLGGTGRSTDGRVMDGPFAASTGNWPINVRVDSRTYLRRSLGGSVAELPTRAEVESVL
AISAYDLPPYNSASEGFRNHLEGWRGVNLHGRVHVWVGGQMATGVSPNDPVFWLHHAYVDKLWAEWQRRHPDSAYVPTGG
TPDVVDLNETMKPWNTVRPADLLDHTAYYTFDALEHHHHHH
;
A
2 'polypeptide(L)'
;MPEITRRRALTAAAAVAATASAAVTLAAPAASAAGHHEPAAPESFDEVYKGRRIQGRPARGAAHHHEHGGGYEVFVDGVQ
LHVMRNADGSWISVVSH(G1X)DPVPTPRAAARAAVDELQGAPLLPFPANLEHHHHHH
;
B
#
loop_
_chem_comp.id
_chem_comp.type
_chem_comp.name
_chem_comp.formula
CU non-polymer 'COPPER (II) ION' 'Cu 2'
NO3 non-polymer 'NITRATE ION' 'N O3 -1'
PEO non-polymer 'HYDROGEN PEROXIDE' 'H2 O2'
#
# COMPACT_ATOMS: atom_id res chain seq x y z
N THR A 2 -6.02 7.69 22.06
CA THR A 2 -4.94 7.24 21.18
C THR A 2 -4.42 8.45 20.39
N VAL A 3 -3.19 8.89 20.48
CA VAL A 3 -2.65 9.95 19.59
C VAL A 3 -1.63 9.34 18.62
N ARG A 4 -1.87 9.59 17.33
CA ARG A 4 -0.93 9.14 16.31
C ARG A 4 0.02 10.29 16.03
N LYS A 5 1.30 9.93 16.17
CA LYS A 5 2.35 10.94 16.15
C LYS A 5 3.22 10.84 14.91
N ASN A 6 3.76 11.98 14.51
CA ASN A 6 4.72 11.98 13.43
C ASN A 6 5.93 11.15 13.86
N GLN A 7 6.32 10.18 13.01
CA GLN A 7 7.46 9.31 13.35
C GLN A 7 8.72 10.09 13.76
N ALA A 8 8.89 11.25 13.09
CA ALA A 8 10.09 12.08 13.26
C ALA A 8 10.18 12.56 14.72
N THR A 9 9.07 12.53 15.47
CA THR A 9 8.99 13.07 16.81
C THR A 9 8.95 12.04 17.92
N LEU A 10 9.01 10.75 17.59
CA LEU A 10 8.97 9.73 18.64
C LEU A 10 10.21 9.82 19.51
N THR A 11 9.94 9.53 20.79
CA THR A 11 11.07 9.42 21.73
C THR A 11 11.75 8.06 21.53
N ALA A 12 12.94 7.91 22.09
CA ALA A 12 13.66 6.63 21.96
C ALA A 12 12.79 5.53 22.56
N ASP A 13 12.11 5.85 23.67
CA ASP A 13 11.30 4.81 24.34
C ASP A 13 10.09 4.41 23.50
N GLU A 14 9.45 5.36 22.84
CA GLU A 14 8.35 5.07 21.94
C GLU A 14 8.80 4.23 20.74
N LYS A 15 9.94 4.55 20.15
CA LYS A 15 10.47 3.75 19.06
C LYS A 15 10.73 2.32 19.55
N ARG A 16 11.37 2.20 20.70
CA ARG A 16 11.67 0.85 21.22
C ARG A 16 10.39 0.05 21.44
N ARG A 17 9.37 0.67 22.04
CA ARG A 17 8.15 -0.08 22.33
C ARG A 17 7.36 -0.41 21.06
N PHE A 18 7.35 0.52 20.10
CA PHE A 18 6.69 0.19 18.80
C PHE A 18 7.34 -1.00 18.13
N VAL A 19 8.68 -0.93 18.00
CA VAL A 19 9.40 -2.05 17.39
C VAL A 19 9.14 -3.35 18.13
N ALA A 20 9.22 -3.33 19.45
CA ALA A 20 9.05 -4.61 20.17
C ALA A 20 7.65 -5.13 19.93
N ALA A 21 6.63 -4.28 19.88
CA ALA A 21 5.25 -4.78 19.69
C ALA A 21 5.06 -5.38 18.31
N VAL A 22 5.62 -4.74 17.29
CA VAL A 22 5.57 -5.26 15.91
C VAL A 22 6.27 -6.62 15.85
N LEU A 23 7.46 -6.74 16.47
CA LEU A 23 8.16 -8.03 16.42
C LEU A 23 7.39 -9.10 17.16
N GLU A 24 6.71 -8.76 18.25
CA GLU A 24 5.89 -9.78 18.93
C GLU A 24 4.71 -10.23 18.10
N LEU A 25 4.04 -9.31 17.41
CA LEU A 25 2.98 -9.77 16.49
C LEU A 25 3.53 -10.71 15.42
N LYS A 26 4.72 -10.40 14.92
CA LYS A 26 5.33 -11.33 13.96
C LYS A 26 5.65 -12.66 14.61
N ARG A 27 6.30 -12.68 15.76
CA ARG A 27 6.67 -13.94 16.41
C ARG A 27 5.44 -14.80 16.70
N SER A 28 4.33 -14.20 17.11
CA SER A 28 3.19 -15.00 17.52
C SER A 28 2.34 -15.49 16.35
N GLY A 29 2.66 -15.06 15.12
CA GLY A 29 1.98 -15.44 13.89
C GLY A 29 0.83 -14.54 13.47
N ARG A 30 0.54 -13.52 14.31
CA ARG A 30 -0.60 -12.66 14.01
C ARG A 30 -0.29 -11.71 12.88
N TYR A 31 0.96 -11.26 12.75
CA TYR A 31 1.31 -10.27 11.75
C TYR A 31 1.03 -10.78 10.35
N ASP A 32 1.46 -12.01 10.08
CA ASP A 32 1.36 -12.43 8.67
C ASP A 32 -0.05 -12.50 8.12
N GLU A 33 -1.06 -12.64 9.00
CA GLU A 33 -2.46 -12.64 8.50
C GLU A 33 -2.89 -11.28 7.97
N PHE A 34 -2.34 -10.18 8.48
CA PHE A 34 -2.55 -8.86 7.92
C PHE A 34 -1.96 -8.82 6.52
N VAL A 35 -0.77 -9.34 6.33
CA VAL A 35 -0.13 -9.31 4.99
C VAL A 35 -0.99 -10.05 3.99
N ARG A 36 -1.49 -11.21 4.42
CA ARG A 36 -2.30 -12.06 3.54
C ARG A 36 -3.63 -11.40 3.18
N THR A 37 -4.34 -10.82 4.14
CA THR A 37 -5.58 -10.08 3.84
C THR A 37 -5.34 -8.98 2.82
N HIS A 38 -4.26 -8.24 3.06
CA HIS A 38 -4.00 -7.16 2.12
C HIS A 38 -3.78 -7.68 0.72
N ASN A 39 -2.96 -8.72 0.58
CA ASN A 39 -2.66 -9.16 -0.79
C ASN A 39 -3.90 -9.71 -1.47
N GLU A 40 -4.80 -10.32 -0.70
CA GLU A 40 -6.05 -10.83 -1.27
C GLU A 40 -6.90 -9.67 -1.79
N PHE A 41 -7.01 -8.56 -1.04
CA PHE A 41 -7.73 -7.45 -1.65
C PHE A 41 -6.99 -6.85 -2.82
N ILE A 42 -5.66 -6.76 -2.78
CA ILE A 42 -4.94 -6.16 -3.89
C ILE A 42 -5.23 -6.94 -5.16
N MET A 43 -5.27 -8.26 -5.01
CA MET A 43 -5.42 -9.09 -6.20
C MET A 43 -6.86 -9.18 -6.67
N SER A 44 -7.81 -8.90 -5.79
CA SER A 44 -9.22 -9.05 -6.13
C SER A 44 -9.93 -7.74 -6.51
N ASP A 45 -9.51 -6.61 -6.00
CA ASP A 45 -10.07 -5.31 -6.33
C ASP A 45 -9.80 -4.95 -7.79
N THR A 46 -10.79 -4.88 -8.67
CA THR A 46 -10.59 -4.59 -10.08
C THR A 46 -11.46 -3.46 -10.62
N ASP A 47 -10.95 -2.74 -11.60
CA ASP A 47 -11.62 -1.54 -12.03
C ASP A 47 -12.97 -1.83 -12.67
N SER A 48 -13.11 -3.06 -13.17
CA SER A 48 -14.38 -3.32 -13.84
C SER A 48 -15.25 -4.27 -13.04
N GLY A 49 -14.89 -4.50 -11.78
CA GLY A 49 -15.69 -5.45 -11.01
C GLY A 49 -15.73 -5.01 -9.56
N GLU A 50 -16.03 -5.98 -8.70
CA GLU A 50 -16.10 -5.66 -7.28
C GLU A 50 -14.77 -5.03 -6.85
N ARG A 51 -14.85 -3.92 -6.12
CA ARG A 51 -13.62 -3.28 -5.64
C ARG A 51 -13.93 -2.66 -4.29
N THR A 52 -13.10 -2.97 -3.32
CA THR A 52 -13.35 -2.55 -1.95
C THR A 52 -12.14 -1.90 -1.28
N GLY A 53 -10.97 -2.53 -1.32
CA GLY A 53 -9.90 -1.93 -0.50
C GLY A 53 -9.11 -0.92 -1.30
N HIS A 54 -9.20 -1.01 -2.64
CA HIS A 54 -8.33 -0.23 -3.52
C HIS A 54 -9.07 0.22 -4.77
N ARG A 55 -8.54 1.19 -5.49
CA ARG A 55 -9.06 1.68 -6.77
C ARG A 55 -10.57 1.92 -6.69
N SER A 56 -10.95 2.55 -5.58
CA SER A 56 -12.37 2.77 -5.32
C SER A 56 -12.54 3.75 -4.17
N PRO A 57 -13.75 4.33 -4.07
CA PRO A 57 -13.97 5.28 -2.99
C PRO A 57 -13.68 4.70 -1.61
N SER A 58 -13.86 3.40 -1.42
CA SER A 58 -13.64 2.83 -0.08
C SER A 58 -12.16 2.60 0.23
N PHE A 59 -11.23 2.85 -0.70
CA PHE A 59 -9.79 2.80 -0.41
C PHE A 59 -9.45 3.46 0.92
N LEU A 60 -10.04 4.63 1.17
CA LEU A 60 -9.67 5.37 2.39
C LEU A 60 -10.36 4.77 3.62
N PRO A 61 -11.68 4.58 3.70
CA PRO A 61 -12.20 3.96 4.94
C PRO A 61 -11.71 2.54 5.11
N TRP A 62 -11.49 1.78 4.06
CA TRP A 62 -10.98 0.41 4.23
C TRP A 62 -9.62 0.41 4.87
N HIS A 63 -8.69 1.23 4.35
CA HIS A 63 -7.37 1.26 5.03
C HIS A 63 -7.48 1.85 6.42
N ARG A 64 -8.42 2.76 6.69
CA ARG A 64 -8.53 3.28 8.04
C ARG A 64 -8.91 2.14 8.98
N ARG A 65 -9.90 1.28 8.60
CA ARG A 65 -10.26 0.18 9.50
C ARG A 65 -9.17 -0.87 9.54
N PHE A 66 -8.46 -1.11 8.44
CA PHE A 66 -7.36 -2.10 8.46
C PHE A 66 -6.27 -1.64 9.42
N LEU A 67 -5.88 -0.35 9.36
CA LEU A 67 -4.90 0.16 10.31
C LEU A 67 -5.42 0.10 11.73
N LEU A 68 -6.70 0.33 11.97
CA LEU A 68 -7.29 0.21 13.29
C LEU A 68 -7.16 -1.22 13.82
N ASP A 69 -7.43 -2.22 12.97
CA ASP A 69 -7.26 -3.60 13.38
C ASP A 69 -5.82 -3.83 13.79
N PHE A 70 -4.88 -3.30 13.00
CA PHE A 70 -3.47 -3.57 13.29
C PHE A 70 -3.04 -2.83 14.55
N GLU A 71 -3.48 -1.58 14.71
CA GLU A 71 -3.12 -0.82 15.93
C GLU A 71 -3.70 -1.50 17.16
N GLN A 72 -4.94 -2.00 17.08
CA GLN A 72 -5.54 -2.70 18.24
C GLN A 72 -4.75 -3.97 18.55
N ALA A 73 -4.23 -4.65 17.51
CA ALA A 73 -3.37 -5.82 17.78
C ALA A 73 -2.11 -5.38 18.49
N LEU A 74 -1.50 -4.26 18.07
CA LEU A 74 -0.31 -3.80 18.74
C LEU A 74 -0.63 -3.49 20.20
N GLN A 75 -1.77 -2.84 20.42
CA GLN A 75 -2.11 -2.43 21.78
C GLN A 75 -2.42 -3.62 22.65
N SER A 76 -2.79 -4.75 22.05
CA SER A 76 -2.99 -5.93 22.87
C SER A 76 -1.66 -6.50 23.36
N VAL A 77 -0.57 -6.10 22.75
CA VAL A 77 0.77 -6.46 23.14
C VAL A 77 1.33 -5.41 24.09
N ASP A 78 1.19 -4.15 23.72
CA ASP A 78 1.69 -3.05 24.57
C ASP A 78 0.68 -1.90 24.50
N SER A 79 -0.06 -1.66 25.57
CA SER A 79 -1.19 -0.75 25.41
C SER A 79 -0.79 0.69 25.15
N SER A 80 0.51 1.02 25.29
CA SER A 80 0.94 2.42 25.07
C SER A 80 1.29 2.74 23.65
N VAL A 81 1.35 1.71 22.81
CA VAL A 81 1.83 1.94 21.43
C VAL A 81 0.70 2.40 20.56
N THR A 82 0.95 3.39 19.70
CA THR A 82 -0.04 3.76 18.68
C THR A 82 0.69 3.77 17.33
N LEU A 83 0.01 3.77 16.21
CA LEU A 83 0.73 3.84 14.93
C LEU A 83 1.27 5.25 14.71
N PRO A 84 2.56 5.41 14.44
CA PRO A 84 3.05 6.71 13.99
C PRO A 84 2.81 6.86 12.49
N TYR A 85 2.91 8.13 12.04
CA TYR A 85 2.81 8.33 10.59
C TYR A 85 4.10 8.92 10.01
N TRP A 86 4.28 8.59 8.74
CA TRP A 86 5.42 9.11 7.99
C TRP A 86 4.95 10.19 7.00
N ASP A 87 5.31 11.43 7.28
CA ASP A 87 5.04 12.52 6.34
C ASP A 87 6.16 12.50 5.32
N TRP A 88 5.89 11.74 4.26
CA TRP A 88 6.93 11.63 3.22
C TRP A 88 7.06 12.90 2.41
N SER A 89 6.21 13.90 2.67
CA SER A 89 6.43 15.15 1.91
C SER A 89 7.49 15.98 2.62
N ALA A 90 7.73 15.69 3.88
CA ALA A 90 8.67 16.46 4.69
C ALA A 90 9.98 15.74 4.99
N ASP A 91 9.85 14.42 5.24
CA ASP A 91 10.96 13.55 5.58
C ASP A 91 11.26 12.66 4.38
N ARG A 92 11.95 13.26 3.41
CA ARG A 92 11.95 12.75 2.04
C ARG A 92 13.29 12.16 1.65
N THR A 93 14.25 11.98 2.56
CA THR A 93 15.51 11.39 2.09
C THR A 93 15.82 10.13 2.91
N VAL A 94 16.88 9.45 2.48
CA VAL A 94 17.26 8.23 3.16
C VAL A 94 17.86 8.48 4.54
N ARG A 95 18.09 9.74 4.87
CA ARG A 95 18.66 10.13 6.16
C ARG A 95 17.59 10.48 7.16
N ALA A 96 16.32 10.40 6.79
CA ALA A 96 15.25 10.57 7.78
C ALA A 96 15.46 9.56 8.89
N SER A 97 15.21 9.97 10.13
CA SER A 97 15.43 9.09 11.27
C SER A 97 14.55 7.85 11.22
N LEU A 98 13.47 7.91 10.46
CA LEU A 98 12.72 6.75 10.07
C LEU A 98 13.56 5.54 9.69
N TRP A 99 14.58 5.83 8.88
CA TRP A 99 15.41 4.81 8.25
C TRP A 99 16.67 4.50 9.06
N ALA A 100 16.70 4.96 10.32
CA ALA A 100 17.87 4.69 11.16
C ALA A 100 17.82 3.28 11.73
N PRO A 101 18.93 2.72 12.17
CA PRO A 101 18.95 1.34 12.70
C PRO A 101 18.16 1.21 14.01
N ASP A 102 17.84 2.32 14.70
CA ASP A 102 17.02 2.18 15.92
C ASP A 102 15.53 2.24 15.63
N PHE A 103 15.18 2.33 14.35
CA PHE A 103 13.76 2.44 14.00
C PHE A 103 13.42 1.39 12.93
N LEU A 104 13.37 1.76 11.63
CA LEU A 104 12.98 0.75 10.66
C LEU A 104 14.19 0.18 9.90
N GLY A 105 15.38 0.71 10.14
CA GLY A 105 16.53 0.29 9.35
C GLY A 105 16.50 0.96 8.00
N GLY A 106 17.54 0.85 7.20
CA GLY A 106 17.59 1.69 6.01
C GLY A 106 17.29 0.92 4.73
N THR A 107 18.00 1.37 3.69
CA THR A 107 17.80 0.84 2.35
C THR A 107 18.50 -0.49 2.17
N GLY A 108 18.14 -1.19 1.10
CA GLY A 108 18.74 -2.49 0.88
C GLY A 108 20.05 -2.37 0.12
N ARG A 109 20.93 -3.35 0.33
CA ARG A 109 22.22 -3.31 -0.37
C ARG A 109 21.97 -3.50 -1.86
N SER A 110 22.91 -3.13 -2.72
CA SER A 110 22.53 -3.04 -4.14
C SER A 110 22.38 -4.38 -4.87
N THR A 111 23.11 -5.42 -4.52
CA THR A 111 23.06 -6.70 -5.21
C THR A 111 21.70 -7.39 -5.15
N ASP A 112 21.09 -7.49 -3.98
CA ASP A 112 19.83 -8.24 -3.83
C ASP A 112 18.73 -7.50 -3.08
N GLY A 113 18.93 -6.20 -2.80
CA GLY A 113 17.94 -5.37 -2.13
C GLY A 113 17.82 -5.65 -0.65
N ARG A 114 18.67 -6.56 -0.14
CA ARG A 114 18.54 -6.95 1.26
C ARG A 114 18.81 -5.83 2.25
N VAL A 115 17.84 -5.58 3.14
CA VAL A 115 18.04 -4.66 4.27
C VAL A 115 19.05 -5.29 5.24
N MET A 116 20.06 -4.50 5.61
CA MET A 116 21.16 -5.03 6.41
C MET A 116 21.26 -4.50 7.83
N ASP A 117 20.42 -3.53 8.16
CA ASP A 117 20.43 -3.00 9.51
C ASP A 117 19.02 -2.76 10.02
N GLY A 118 18.95 -2.37 11.29
CA GLY A 118 17.65 -2.19 11.93
C GLY A 118 17.08 -3.52 12.42
N PRO A 119 15.97 -3.41 13.15
CA PRO A 119 15.36 -4.55 13.83
C PRO A 119 14.69 -5.55 12.88
N PHE A 120 14.48 -5.13 11.65
CA PHE A 120 13.75 -5.99 10.72
C PHE A 120 14.68 -6.63 9.68
N ALA A 121 15.98 -6.44 9.82
CA ALA A 121 16.92 -7.04 8.92
C ALA A 121 16.88 -8.57 9.02
N ALA A 122 16.95 -9.27 7.91
CA ALA A 122 16.85 -10.75 7.98
C ALA A 122 17.89 -11.37 8.92
N SER A 123 19.08 -10.78 9.03
CA SER A 123 20.13 -11.35 9.84
C SER A 123 19.80 -11.41 11.34
N THR A 124 18.81 -10.63 11.80
CA THR A 124 18.40 -10.67 13.21
C THR A 124 17.69 -11.98 13.57
N GLY A 125 17.14 -12.64 12.55
CA GLY A 125 16.33 -13.82 12.85
C GLY A 125 14.92 -13.50 13.28
N ASN A 126 14.51 -12.24 13.33
CA ASN A 126 13.23 -11.82 13.90
C ASN A 126 12.25 -11.39 12.84
N TRP A 127 12.56 -11.43 11.54
CA TRP A 127 11.63 -10.89 10.55
C TRP A 127 11.63 -11.73 9.28
N PRO A 128 11.16 -12.97 9.42
CA PRO A 128 11.01 -13.83 8.23
C PRO A 128 9.93 -13.28 7.32
N ILE A 129 10.21 -13.22 6.01
CA ILE A 129 9.13 -12.89 5.09
C ILE A 129 8.51 -14.20 4.67
N ASN A 130 7.30 -14.45 5.11
CA ASN A 130 6.60 -15.70 4.87
C ASN A 130 5.53 -15.61 3.77
N VAL A 131 4.66 -14.61 3.90
CA VAL A 131 3.59 -14.44 2.93
C VAL A 131 4.21 -13.67 1.79
N ARG A 132 4.37 -14.32 0.62
CA ARG A 132 5.21 -13.70 -0.38
C ARG A 132 4.92 -14.27 -1.76
N VAL A 133 5.40 -13.52 -2.73
CA VAL A 133 5.26 -13.93 -4.11
C VAL A 133 6.64 -14.15 -4.75
N ASP A 134 7.47 -13.12 -4.67
CA ASP A 134 8.92 -13.29 -4.82
C ASP A 134 9.35 -14.25 -3.73
N SER A 135 9.96 -15.38 -4.09
CA SER A 135 10.26 -16.43 -3.13
C SER A 135 11.32 -16.07 -2.11
N ARG A 136 12.06 -14.99 -2.23
CA ARG A 136 13.05 -14.65 -1.19
C ARG A 136 12.41 -14.28 0.12
N THR A 137 13.11 -14.61 1.22
CA THR A 137 12.46 -14.50 2.53
C THR A 137 13.03 -13.42 3.45
N TYR A 138 13.78 -12.48 2.90
CA TYR A 138 14.36 -11.39 3.63
C TYR A 138 13.76 -10.05 3.22
N LEU A 139 13.66 -9.11 4.16
CA LEU A 139 13.12 -7.78 3.86
C LEU A 139 14.01 -7.11 2.85
N ARG A 140 13.46 -6.50 1.81
CA ARG A 140 14.20 -5.79 0.78
C ARG A 140 13.65 -4.38 0.61
N ARG A 141 14.52 -3.45 0.25
CA ARG A 141 14.14 -2.08 -0.07
C ARG A 141 15.13 -1.51 -1.10
N SER A 142 14.68 -0.54 -1.88
CA SER A 142 15.66 0.20 -2.67
C SER A 142 15.18 1.64 -2.60
N LEU A 143 15.48 2.35 -1.50
CA LEU A 143 14.89 3.70 -1.34
C LEU A 143 15.30 4.60 -2.50
N GLY A 144 14.36 5.15 -3.23
CA GLY A 144 14.64 6.02 -4.35
C GLY A 144 15.14 5.32 -5.60
N GLY A 145 15.09 3.97 -5.61
CA GLY A 145 15.62 3.23 -6.72
C GLY A 145 14.79 3.30 -7.98
N SER A 146 13.49 3.10 -7.85
CA SER A 146 12.60 2.99 -8.98
C SER A 146 11.93 4.31 -9.30
N VAL A 147 11.95 5.22 -8.34
CA VAL A 147 11.37 6.54 -8.69
C VAL A 147 12.24 7.56 -7.95
N ALA A 148 12.48 8.64 -8.65
CA ALA A 148 13.48 9.60 -8.24
C ALA A 148 13.08 10.29 -6.95
N GLU A 149 11.84 10.75 -6.79
CA GLU A 149 11.48 11.56 -5.65
C GLU A 149 10.12 11.22 -5.04
N LEU A 150 10.06 11.37 -3.72
CA LEU A 150 8.78 11.38 -3.03
C LEU A 150 7.94 12.61 -3.34
N PRO A 151 6.63 12.55 -3.11
CA PRO A 151 5.78 13.72 -3.38
C PRO A 151 6.25 14.90 -2.54
N THR A 152 6.01 16.11 -3.00
CA THR A 152 6.31 17.29 -2.20
C THR A 152 5.06 17.85 -1.54
N ARG A 153 5.30 18.74 -0.58
CA ARG A 153 4.16 19.41 0.05
C ARG A 153 3.33 20.14 -0.98
N ALA A 154 3.96 20.78 -1.96
CA ALA A 154 3.17 21.52 -2.96
C ALA A 154 2.27 20.57 -3.75
N GLU A 155 2.79 19.38 -4.06
CA GLU A 155 1.96 18.38 -4.75
C GLU A 155 0.81 17.83 -3.93
N VAL A 156 1.10 17.60 -2.65
CA VAL A 156 0.07 17.21 -1.71
C VAL A 156 -1.00 18.29 -1.62
N GLU A 157 -0.56 19.55 -1.56
CA GLU A 157 -1.55 20.62 -1.40
C GLU A 157 -2.51 20.73 -2.57
N SER A 158 -1.99 20.46 -3.77
CA SER A 158 -2.85 20.51 -4.97
C SER A 158 -3.86 19.38 -4.95
N VAL A 159 -3.57 18.25 -4.34
CA VAL A 159 -4.57 17.20 -4.19
C VAL A 159 -5.52 17.52 -3.05
N LEU A 160 -5.02 18.04 -1.94
CA LEU A 160 -5.99 18.46 -0.90
C LEU A 160 -6.96 19.54 -1.36
N ALA A 161 -6.61 20.32 -2.38
CA ALA A 161 -7.48 21.39 -2.84
C ALA A 161 -8.64 20.89 -3.68
N ILE A 162 -8.64 19.59 -4.01
CA ILE A 162 -9.72 19.08 -4.87
C ILE A 162 -11.02 18.88 -4.12
N SER A 163 -12.14 19.46 -4.52
CA SER A 163 -13.34 19.47 -3.71
C SER A 163 -14.10 18.17 -3.70
N ALA A 164 -14.14 17.46 -4.82
CA ALA A 164 -14.98 16.27 -4.89
C ALA A 164 -14.28 15.06 -4.28
N TYR A 165 -14.94 14.37 -3.36
CA TYR A 165 -14.33 13.21 -2.76
C TYR A 165 -13.88 12.16 -3.78
N ASP A 166 -14.83 11.82 -4.63
CA ASP A 166 -14.58 10.84 -5.70
C ASP A 166 -15.63 11.11 -6.78
N LEU A 167 -15.45 10.50 -7.92
CA LEU A 167 -16.33 10.76 -9.06
C LEU A 167 -16.56 9.46 -9.83
N PRO A 168 -17.73 9.32 -10.43
CA PRO A 168 -17.90 8.22 -11.40
C PRO A 168 -16.74 8.26 -12.39
N PRO A 169 -16.18 7.15 -12.82
CA PRO A 169 -16.66 5.80 -12.57
C PRO A 169 -16.16 5.09 -11.31
N TYR A 170 -15.75 5.87 -10.31
CA TYR A 170 -15.35 5.36 -8.98
C TYR A 170 -14.29 4.29 -9.15
N ASN A 171 -13.25 4.52 -9.93
CA ASN A 171 -12.18 3.52 -10.06
C ASN A 171 -10.86 4.20 -10.36
N SER A 172 -9.88 3.47 -10.92
CA SER A 172 -8.54 4.08 -11.13
C SER A 172 -8.55 5.14 -12.20
N ALA A 173 -9.66 5.25 -12.96
CA ALA A 173 -9.74 6.30 -13.98
C ALA A 173 -10.41 7.55 -13.43
N SER A 174 -10.87 7.59 -12.20
CA SER A 174 -11.63 8.75 -11.69
C SER A 174 -10.83 10.03 -11.55
N GLU A 175 -11.43 11.18 -11.78
CA GLU A 175 -10.94 12.44 -11.23
C GLU A 175 -11.35 12.57 -9.76
N GLY A 176 -11.06 13.65 -9.04
CA GLY A 176 -11.53 13.66 -7.66
C GLY A 176 -10.38 13.38 -6.70
N PHE A 177 -10.63 13.76 -5.45
CA PHE A 177 -9.62 13.63 -4.38
C PHE A 177 -9.11 12.20 -4.15
N ARG A 178 -10.01 11.23 -3.97
CA ARG A 178 -9.62 9.88 -3.58
C ARG A 178 -8.59 9.30 -4.56
N ASN A 179 -8.90 9.39 -5.86
CA ASN A 179 -7.97 8.76 -6.80
C ASN A 179 -6.68 9.54 -6.99
N HIS A 180 -6.72 10.87 -6.82
CA HIS A 180 -5.46 11.63 -6.86
C HIS A 180 -4.60 11.30 -5.65
N LEU A 181 -5.21 11.09 -4.48
CA LEU A 181 -4.44 10.69 -3.29
C LEU A 181 -3.96 9.25 -3.52
N GLU A 182 -4.82 8.36 -3.97
CA GLU A 182 -4.40 6.95 -4.17
C GLU A 182 -3.30 6.89 -5.19
N GLY A 183 -3.47 7.69 -6.24
CA GLY A 183 -2.34 8.04 -7.10
C GLY A 183 -2.49 7.61 -8.55
N TRP A 184 -3.59 6.98 -8.92
CA TRP A 184 -3.74 6.40 -10.25
C TRP A 184 -3.92 7.48 -11.32
N ARG A 185 -4.29 8.69 -10.92
CA ARG A 185 -4.30 9.86 -11.79
C ARG A 185 -3.55 11.02 -11.17
N GLY A 186 -2.89 11.86 -11.95
CA GLY A 186 -2.24 13.01 -11.38
C GLY A 186 -0.77 12.72 -11.09
N VAL A 187 -0.18 13.59 -10.29
CA VAL A 187 1.23 13.51 -9.94
C VAL A 187 1.56 12.31 -9.04
N ASN A 188 0.51 11.66 -8.54
CA ASN A 188 0.61 10.41 -7.76
C ASN A 188 1.28 10.52 -6.40
N LEU A 189 0.46 10.33 -5.36
CA LEU A 189 0.94 10.47 -4.01
C LEU A 189 1.16 9.05 -3.45
N HIS A 190 0.07 8.34 -3.08
CA HIS A 190 0.27 7.12 -2.30
C HIS A 190 0.97 6.02 -3.09
N GLY A 191 0.65 5.85 -4.39
CA GLY A 191 1.32 4.73 -5.08
C GLY A 191 2.78 4.99 -5.32
N ARG A 192 3.13 6.26 -5.61
CA ARG A 192 4.53 6.63 -5.78
C ARG A 192 5.37 6.33 -4.56
N VAL A 193 4.82 6.53 -3.35
CA VAL A 193 5.62 6.20 -2.17
C VAL A 193 5.93 4.69 -2.11
N HIS A 194 4.97 3.83 -2.44
CA HIS A 194 5.26 2.40 -2.48
C HIS A 194 6.37 2.10 -3.46
N VAL A 195 6.29 2.74 -4.64
CA VAL A 195 7.34 2.53 -5.64
C VAL A 195 8.70 2.99 -5.12
N TRP A 196 8.70 4.15 -4.44
CA TRP A 196 9.96 4.74 -3.98
C TRP A 196 10.62 3.84 -2.94
N VAL A 197 9.85 3.23 -2.05
CA VAL A 197 10.52 2.36 -1.06
C VAL A 197 11.08 1.13 -1.73
N GLY A 198 10.36 0.55 -2.69
CA GLY A 198 10.84 -0.64 -3.35
C GLY A 198 10.68 -1.86 -2.47
N GLY A 199 11.34 -2.96 -2.87
CA GLY A 199 11.25 -4.22 -2.17
C GLY A 199 9.80 -4.69 -2.01
N GLN A 200 9.51 -5.34 -0.88
CA GLN A 200 8.13 -5.80 -0.70
C GLN A 200 7.13 -4.66 -0.73
N MET A 201 7.51 -3.46 -0.35
CA MET A 201 6.55 -2.37 -0.37
C MET A 201 6.06 -2.06 -1.77
N ALA A 202 6.76 -2.54 -2.79
CA ALA A 202 6.30 -2.24 -4.17
C ALA A 202 5.33 -3.32 -4.67
N THR A 203 4.96 -4.29 -3.83
CA THR A 203 4.17 -5.46 -4.22
C THR A 203 2.84 -5.53 -3.49
N GLY A 204 1.98 -6.49 -3.86
CA GLY A 204 0.71 -6.66 -3.13
C GLY A 204 0.95 -7.12 -1.70
N VAL A 205 2.14 -7.66 -1.38
CA VAL A 205 2.42 -8.06 0.01
C VAL A 205 3.21 -6.97 0.73
N SER A 206 2.92 -5.70 0.38
CA SER A 206 3.59 -4.53 0.93
C SER A 206 3.48 -4.48 2.45
N PRO A 207 2.49 -4.94 3.19
CA PRO A 207 2.59 -4.90 4.68
C PRO A 207 3.72 -5.75 5.23
N ASN A 208 4.45 -6.51 4.42
CA ASN A 208 5.64 -7.18 4.94
C ASN A 208 6.68 -6.17 5.46
N ASP A 209 6.64 -4.95 4.94
CA ASP A 209 7.55 -3.95 5.46
C ASP A 209 6.84 -3.14 6.52
N PRO A 210 7.33 -3.00 7.74
CA PRO A 210 6.59 -2.22 8.75
C PRO A 210 6.34 -0.79 8.31
N VAL A 211 7.09 -0.27 7.34
CA VAL A 211 6.83 1.14 6.93
C VAL A 211 5.43 1.22 6.32
N PHE A 212 4.87 0.10 5.86
CA PHE A 212 3.51 0.11 5.29
C PHE A 212 2.56 0.90 6.18
N TRP A 213 2.67 0.60 7.47
CA TRP A 213 1.67 1.14 8.42
C TRP A 213 1.87 2.64 8.60
N LEU A 214 3.15 3.07 8.61
CA LEU A 214 3.42 4.49 8.76
C LEU A 214 3.06 5.31 7.53
N HIS A 215 3.24 4.72 6.35
CA HIS A 215 2.78 5.34 5.10
C HIS A 215 1.26 5.50 5.12
N HIS A 216 0.55 4.39 5.39
CA HIS A 216 -0.91 4.50 5.38
C HIS A 216 -1.45 5.36 6.50
N ALA A 217 -0.72 5.45 7.62
CA ALA A 217 -1.20 6.36 8.67
C ALA A 217 -1.13 7.79 8.19
N TYR A 218 -0.19 8.13 7.31
CA TYR A 218 -0.10 9.51 6.80
C TYR A 218 -1.13 9.68 5.69
N VAL A 219 -1.34 8.67 4.85
CA VAL A 219 -2.44 8.77 3.87
C VAL A 219 -3.76 9.03 4.59
N ASP A 220 -3.97 8.33 5.70
CA ASP A 220 -5.16 8.49 6.52
C ASP A 220 -5.25 9.90 7.09
N LYS A 221 -4.10 10.41 7.55
CA LYS A 221 -4.08 11.80 8.04
C LYS A 221 -4.43 12.77 6.92
N LEU A 222 -3.94 12.51 5.70
CA LEU A 222 -4.30 13.43 4.59
C LEU A 222 -5.80 13.40 4.31
N TRP A 223 -6.48 12.27 4.47
CA TRP A 223 -7.93 12.28 4.36
C TRP A 223 -8.52 13.18 5.43
N ALA A 224 -8.03 13.08 6.65
CA ALA A 224 -8.52 13.98 7.73
C ALA A 224 -8.29 15.43 7.39
N GLU A 225 -7.13 15.71 6.79
CA GLU A 225 -6.85 17.11 6.41
C GLU A 225 -7.81 17.57 5.31
N TRP A 226 -8.09 16.70 4.35
CA TRP A 226 -8.99 16.99 3.26
C TRP A 226 -10.36 17.34 3.84
N GLN A 227 -10.82 16.53 4.81
CA GLN A 227 -12.13 16.84 5.37
C GLN A 227 -12.17 18.21 6.06
N ARG A 228 -11.04 18.58 6.69
CA ARG A 228 -10.96 19.90 7.32
C ARG A 228 -11.03 21.00 6.27
N ARG A 229 -10.42 20.76 5.13
CA ARG A 229 -10.37 21.73 4.04
C ARG A 229 -11.75 21.88 3.40
N HIS A 230 -12.53 20.82 3.44
CA HIS A 230 -13.77 20.72 2.69
C HIS A 230 -14.85 20.17 3.61
N PRO A 231 -15.24 20.93 4.62
CA PRO A 231 -16.24 20.38 5.55
C PRO A 231 -17.60 20.15 4.87
N ASP A 232 -17.78 20.79 3.72
CA ASP A 232 -19.01 20.73 2.96
C ASP A 232 -19.06 19.54 2.00
N SER A 233 -17.96 18.80 1.90
CA SER A 233 -17.91 17.74 0.90
C SER A 233 -17.86 16.40 1.59
N ALA A 234 -18.46 15.36 1.02
CA ALA A 234 -18.41 14.12 1.84
C ALA A 234 -18.30 12.89 0.95
N TYR A 235 -18.13 11.74 1.57
CA TYR A 235 -17.97 10.48 0.87
C TYR A 235 -19.06 10.26 -0.16
N VAL A 236 -18.71 9.74 -1.33
CA VAL A 236 -19.65 9.37 -2.38
C VAL A 236 -19.11 8.04 -2.92
N PRO A 237 -19.91 7.17 -3.50
CA PRO A 237 -21.33 7.38 -3.68
C PRO A 237 -22.19 7.09 -2.45
N THR A 238 -23.47 7.48 -2.58
CA THR A 238 -24.32 7.39 -1.41
C THR A 238 -25.52 6.50 -1.63
N GLY A 239 -25.29 5.40 -2.34
CA GLY A 239 -26.31 4.37 -2.35
C GLY A 239 -26.54 3.86 -3.76
N GLY A 240 -26.76 2.55 -3.92
CA GLY A 240 -27.17 1.92 -5.13
C GLY A 240 -26.13 1.90 -6.21
N THR A 241 -24.87 1.69 -5.91
CA THR A 241 -23.85 1.64 -6.95
C THR A 241 -23.30 0.22 -7.07
N PRO A 242 -23.47 -0.47 -8.18
CA PRO A 242 -22.93 -1.83 -8.30
C PRO A 242 -21.40 -1.82 -8.20
N ASP A 243 -20.88 -2.83 -7.53
CA ASP A 243 -19.50 -3.20 -7.34
C ASP A 243 -18.73 -2.23 -6.45
N VAL A 244 -19.32 -1.14 -6.02
CA VAL A 244 -18.67 -0.11 -5.23
C VAL A 244 -19.29 0.01 -3.84
N VAL A 245 -18.52 0.28 -2.79
CA VAL A 245 -19.09 0.42 -1.46
C VAL A 245 -19.66 1.83 -1.27
N ASP A 246 -21.00 1.86 -1.20
CA ASP A 246 -21.67 3.11 -0.91
C ASP A 246 -21.50 3.48 0.56
N LEU A 247 -21.78 4.74 0.84
CA LEU A 247 -21.64 5.32 2.17
C LEU A 247 -22.10 4.43 3.30
N ASN A 248 -23.30 3.86 3.20
CA ASN A 248 -23.91 3.15 4.31
C ASN A 248 -23.93 1.65 4.06
N GLU A 249 -23.14 1.21 3.09
CA GLU A 249 -22.98 -0.22 2.83
C GLU A 249 -21.85 -0.83 3.67
N THR A 250 -22.03 -2.10 4.06
CA THR A 250 -20.92 -2.67 4.85
C THR A 250 -19.78 -3.11 3.94
N MET A 251 -18.60 -3.18 4.54
CA MET A 251 -17.34 -3.45 3.87
C MET A 251 -16.73 -4.80 4.26
N LYS A 252 -16.30 -5.57 3.25
CA LYS A 252 -15.52 -6.75 3.45
C LYS A 252 -14.11 -6.35 3.83
N PRO A 253 -13.38 -7.15 4.59
CA PRO A 253 -13.83 -8.45 5.09
C PRO A 253 -14.73 -8.38 6.31
N TRP A 254 -14.72 -7.30 7.08
CA TRP A 254 -15.38 -7.24 8.40
C TRP A 254 -16.87 -7.43 8.32
N ASN A 255 -17.48 -6.84 7.30
CA ASN A 255 -18.94 -6.92 7.10
C ASN A 255 -19.73 -6.18 8.17
N THR A 256 -19.13 -5.71 9.26
CA THR A 256 -19.90 -5.09 10.32
C THR A 256 -19.63 -3.59 10.42
N VAL A 257 -18.99 -3.08 9.38
CA VAL A 257 -18.65 -1.66 9.40
C VAL A 257 -18.89 -1.05 8.02
N ARG A 258 -19.30 0.22 7.97
CA ARG A 258 -19.58 0.94 6.74
C ARG A 258 -18.65 2.12 6.58
N PRO A 259 -18.46 2.64 5.38
CA PRO A 259 -17.71 3.91 5.31
C PRO A 259 -18.26 4.97 6.28
N ALA A 260 -19.58 5.02 6.47
CA ALA A 260 -20.19 6.03 7.33
C ALA A 260 -19.65 6.01 8.76
N ASP A 261 -19.27 4.82 9.24
CA ASP A 261 -18.78 4.65 10.59
C ASP A 261 -17.30 5.04 10.74
N LEU A 262 -16.66 5.31 9.63
CA LEU A 262 -15.21 5.54 9.69
C LEU A 262 -14.85 6.93 9.22
N LEU A 263 -15.84 7.77 8.90
CA LEU A 263 -15.48 9.08 8.37
C LEU A 263 -14.78 9.94 9.42
N ASP A 264 -15.22 9.88 10.66
CA ASP A 264 -14.69 10.69 11.75
C ASP A 264 -13.61 9.92 12.51
N HIS A 265 -12.34 10.25 12.24
CA HIS A 265 -11.36 9.46 12.94
C HIS A 265 -11.34 9.70 14.44
N THR A 266 -11.89 10.82 14.91
CA THR A 266 -11.71 11.19 16.31
C THR A 266 -12.46 10.25 17.23
N ALA A 267 -13.33 9.42 16.66
CA ALA A 267 -13.96 8.40 17.49
C ALA A 267 -12.98 7.32 17.90
N TYR A 268 -11.86 7.23 17.22
CA TYR A 268 -10.84 6.23 17.48
C TYR A 268 -9.46 6.74 17.89
N TYR A 269 -9.00 7.84 17.34
CA TYR A 269 -7.69 8.42 17.67
C TYR A 269 -7.69 9.91 17.27
N THR A 270 -6.71 10.67 17.75
CA THR A 270 -6.44 11.99 17.23
C THR A 270 -5.01 12.01 16.71
N PHE A 271 -4.59 13.09 16.08
CA PHE A 271 -3.21 13.29 15.62
C PHE A 271 -2.50 14.26 16.55
N ASP A 272 -1.19 14.16 16.56
CA ASP A 272 -0.41 15.15 17.31
C ASP A 272 -0.76 16.58 16.86
N ALA A 273 -1.00 16.76 15.55
CA ALA A 273 -1.36 18.07 14.99
C ALA A 273 -2.17 17.86 13.72
N LEU A 274 -3.26 18.62 13.66
CA LEU A 274 -4.19 18.56 12.55
C LEU A 274 -4.78 19.95 12.45
N GLU A 275 -4.46 20.70 11.40
CA GLU A 275 -5.05 22.03 11.33
C GLU A 275 -6.57 22.02 11.39
N HIS A 276 -7.21 22.93 12.12
CA HIS A 276 -8.66 22.89 11.93
C HIS A 276 -9.05 23.72 10.69
N HIS A 277 -10.32 23.69 10.34
CA HIS A 277 -10.81 24.42 9.17
C HIS A 277 -10.61 25.92 9.36
N HIS A 278 -10.23 26.55 8.26
CA HIS A 278 -9.89 27.96 8.25
C HIS A 278 -9.75 28.42 6.81
N HIS A 279 -9.70 29.73 6.66
CA HIS A 279 -9.35 30.66 4.66
C HIS A 279 -8.37 31.76 5.07
N ALA B 40 -11.11 -6.54 -26.24
CA ALA B 40 -10.10 -7.16 -27.09
C ALA B 40 -8.92 -7.66 -26.27
N ALA B 41 -8.60 -8.96 -26.19
CA ALA B 41 -7.50 -9.27 -25.28
C ALA B 41 -6.17 -9.02 -25.99
N PRO B 42 -5.09 -8.74 -25.27
CA PRO B 42 -3.79 -8.67 -25.98
C PRO B 42 -3.43 -10.01 -26.60
N GLU B 43 -2.52 -9.93 -27.54
CA GLU B 43 -1.97 -11.17 -28.10
C GLU B 43 -1.16 -11.93 -27.08
N SER B 44 -1.00 -13.23 -27.40
CA SER B 44 -0.10 -14.06 -26.60
C SER B 44 1.35 -13.66 -26.86
N PHE B 45 2.25 -14.11 -25.99
CA PHE B 45 3.67 -13.93 -26.23
C PHE B 45 4.47 -15.06 -25.56
N ASP B 46 5.70 -15.25 -26.02
CA ASP B 46 6.63 -16.22 -25.46
C ASP B 46 8.03 -15.74 -25.77
N GLU B 47 8.87 -15.50 -24.77
CA GLU B 47 10.27 -15.12 -25.04
C GLU B 47 11.07 -15.48 -23.81
N VAL B 48 12.37 -15.40 -23.98
CA VAL B 48 13.33 -15.50 -22.88
C VAL B 48 13.83 -14.09 -22.59
N TYR B 49 13.62 -13.62 -21.36
CA TYR B 49 13.93 -12.26 -20.98
C TYR B 49 14.87 -12.31 -19.78
N LYS B 50 16.05 -11.77 -19.87
CA LYS B 50 17.04 -11.87 -18.81
C LYS B 50 17.17 -13.30 -18.30
N GLY B 51 17.21 -14.26 -19.25
CA GLY B 51 17.51 -15.63 -18.84
C GLY B 51 16.28 -16.37 -18.36
N ARG B 52 15.09 -15.74 -18.33
CA ARG B 52 13.91 -16.43 -17.84
C ARG B 52 12.83 -16.54 -18.89
N ARG B 53 12.09 -17.66 -18.91
CA ARG B 53 11.02 -17.81 -19.87
C ARG B 53 9.79 -17.04 -19.42
N ILE B 54 9.32 -16.08 -20.24
CA ILE B 54 8.08 -15.42 -19.85
C ILE B 54 7.03 -15.70 -20.93
N GLN B 55 5.81 -15.99 -20.52
CA GLN B 55 4.74 -16.30 -21.47
C GLN B 55 3.48 -15.55 -21.06
N GLY B 56 2.67 -15.19 -22.06
CA GLY B 56 1.37 -14.62 -21.77
C GLY B 56 0.34 -15.17 -22.72
N ARG B 57 -0.92 -15.27 -22.26
CA ARG B 57 -1.96 -15.77 -23.16
C ARG B 57 -3.32 -15.27 -22.70
N PRO B 58 -4.22 -15.05 -23.62
CA PRO B 58 -5.58 -14.68 -23.22
C PRO B 58 -6.21 -15.89 -22.55
N ALA B 59 -7.09 -15.64 -21.57
CA ALA B 59 -7.60 -16.79 -20.82
C ALA B 59 -9.02 -17.18 -21.21
N HIS B 66 -9.29 -16.27 -4.26
CA HIS B 66 -8.37 -15.34 -3.61
C HIS B 66 -7.85 -14.23 -4.54
N GLU B 67 -8.37 -14.12 -5.75
CA GLU B 67 -7.96 -13.04 -6.66
C GLU B 67 -9.01 -12.82 -7.71
N HIS B 68 -8.85 -11.87 -8.64
CA HIS B 68 -9.93 -11.54 -9.56
C HIS B 68 -9.98 -12.52 -10.72
N GLY B 69 -11.09 -12.67 -11.45
CA GLY B 69 -11.03 -13.56 -12.62
C GLY B 69 -10.40 -12.97 -13.88
N GLY B 70 -9.16 -12.49 -13.91
CA GLY B 70 -8.61 -11.71 -14.97
C GLY B 70 -8.19 -12.34 -16.29
N GLY B 71 -8.74 -11.85 -17.38
CA GLY B 71 -8.83 -12.42 -18.69
C GLY B 71 -7.53 -12.71 -19.39
N TYR B 72 -6.42 -12.66 -18.67
CA TYR B 72 -5.10 -12.86 -19.29
C TYR B 72 -4.14 -13.54 -18.31
N GLU B 73 -3.34 -14.48 -18.73
CA GLU B 73 -2.43 -15.17 -17.79
C GLU B 73 -0.98 -14.94 -18.19
N VAL B 74 -0.12 -14.80 -17.19
CA VAL B 74 1.31 -14.63 -17.44
C VAL B 74 2.05 -15.67 -16.61
N PHE B 75 3.15 -16.17 -17.15
CA PHE B 75 3.92 -17.21 -16.46
C PHE B 75 5.39 -16.75 -16.48
N VAL B 76 6.08 -17.00 -15.38
CA VAL B 76 7.52 -16.79 -15.33
C VAL B 76 8.16 -18.12 -14.95
N ASP B 77 8.99 -18.64 -15.87
CA ASP B 77 9.54 -19.99 -15.74
C ASP B 77 8.45 -21.00 -15.32
N GLY B 78 7.28 -20.91 -15.98
CA GLY B 78 6.24 -21.94 -15.78
C GLY B 78 5.39 -21.70 -14.56
N VAL B 79 5.71 -20.66 -13.78
CA VAL B 79 4.87 -20.34 -12.64
C VAL B 79 3.96 -19.15 -12.93
N GLN B 80 2.66 -19.30 -12.64
CA GLN B 80 1.77 -18.22 -13.03
C GLN B 80 1.99 -17.00 -12.12
N LEU B 81 2.00 -15.84 -12.73
CA LEU B 81 2.11 -14.53 -12.11
C LEU B 81 0.79 -13.79 -12.18
N HIS B 82 0.21 -13.38 -11.06
CA HIS B 82 -1.05 -12.63 -11.12
C HIS B 82 -0.78 -11.27 -11.75
N VAL B 83 -1.60 -10.95 -12.77
CA VAL B 83 -1.50 -9.65 -13.41
C VAL B 83 -2.91 -9.08 -13.52
N MET B 84 -2.99 -7.76 -13.67
CA MET B 84 -4.28 -7.09 -13.73
C MET B 84 -4.19 -5.92 -14.72
N ARG B 85 -5.30 -5.71 -15.42
CA ARG B 85 -5.43 -4.58 -16.34
C ARG B 85 -6.19 -3.44 -15.67
N ASN B 86 -5.71 -2.21 -15.85
CA ASN B 86 -6.37 -1.04 -15.31
C ASN B 86 -7.30 -0.44 -16.36
N ALA B 87 -8.23 0.40 -15.92
CA ALA B 87 -9.18 1.03 -16.80
C ALA B 87 -8.51 1.75 -17.96
N ASP B 88 -7.33 2.33 -17.79
CA ASP B 88 -6.73 3.06 -18.92
C ASP B 88 -5.98 2.11 -19.85
N GLY B 89 -6.06 0.82 -19.64
CA GLY B 89 -5.39 -0.13 -20.54
C GLY B 89 -4.01 -0.53 -20.10
N SER B 90 -3.44 0.08 -19.07
CA SER B 90 -2.16 -0.31 -18.51
C SER B 90 -2.33 -1.59 -17.69
N TRP B 91 -1.21 -2.22 -17.36
CA TRP B 91 -1.14 -3.46 -16.63
C TRP B 91 -0.24 -3.33 -15.40
N ILE B 92 -0.54 -4.18 -14.42
CA ILE B 92 0.33 -4.31 -13.26
C ILE B 92 0.43 -5.78 -12.93
N SER B 93 1.33 -6.10 -12.01
CA SER B 93 1.42 -7.47 -11.52
C SER B 93 1.53 -7.40 -10.01
N VAL B 94 1.38 -8.56 -9.40
CA VAL B 94 1.41 -8.46 -7.93
C VAL B 94 2.82 -8.12 -7.47
N VAL B 95 3.89 -8.36 -8.23
CA VAL B 95 5.17 -7.92 -7.69
C VAL B 95 5.62 -6.56 -8.16
N SER B 96 4.77 -5.90 -8.92
CA SER B 96 5.00 -4.49 -9.24
C SER B 96 3.67 -3.78 -9.37
N HIS B 97 2.93 -3.77 -8.28
CA HIS B 97 1.50 -3.48 -8.34
C HIS B 97 1.22 -1.99 -8.48
N G1X B 98 2.15 -1.14 -8.07
CA G1X B 98 1.85 0.28 -7.96
C G1X B 98 2.50 1.05 -9.11
O G1X B 98 2.53 2.29 -9.07
CB G1X B 98 2.23 0.87 -6.58
CG G1X B 98 1.62 0.17 -5.37
CD1 G1X B 98 2.30 -0.90 -4.79
CD2 G1X B 98 0.40 0.49 -4.80
CE1 G1X B 98 1.84 -1.62 -3.70
CE2 G1X B 98 -0.07 -0.21 -3.70
CZ G1X B 98 0.63 -1.26 -3.15
OE2 G1X B 98 -1.27 0.01 -3.00
OZ G1X B 98 0.16 -1.99 -2.05
N ASP B 99 3.00 0.32 -10.10
CA ASP B 99 3.77 0.94 -11.20
C ASP B 99 3.24 0.47 -12.55
N PRO B 100 2.17 1.10 -13.06
CA PRO B 100 1.56 0.64 -14.30
C PRO B 100 2.52 0.68 -15.48
N VAL B 101 2.42 -0.35 -16.32
CA VAL B 101 3.21 -0.48 -17.54
C VAL B 101 2.28 -0.77 -18.70
N PRO B 102 2.71 -0.55 -19.94
CA PRO B 102 1.70 -0.57 -21.01
C PRO B 102 1.09 -1.90 -21.39
N THR B 103 1.75 -3.03 -21.12
CA THR B 103 1.31 -4.28 -21.74
C THR B 103 1.56 -5.43 -20.79
N PRO B 104 0.92 -6.59 -20.98
CA PRO B 104 1.24 -7.76 -20.13
C PRO B 104 2.67 -8.23 -20.31
N ARG B 105 3.24 -8.10 -21.50
CA ARG B 105 4.68 -8.45 -21.56
C ARG B 105 5.52 -7.51 -20.73
N ALA B 106 5.22 -6.20 -20.74
CA ALA B 106 5.95 -5.23 -19.90
C ALA B 106 5.77 -5.62 -18.45
N ALA B 107 4.61 -6.14 -18.05
CA ALA B 107 4.45 -6.55 -16.66
C ALA B 107 5.30 -7.78 -16.32
N ALA B 108 5.35 -8.71 -17.26
CA ALA B 108 6.14 -9.92 -17.06
C ALA B 108 7.63 -9.55 -16.96
N ARG B 109 8.07 -8.65 -17.83
CA ARG B 109 9.45 -8.20 -17.78
C ARG B 109 9.71 -7.46 -16.48
N ALA B 110 8.77 -6.63 -16.03
CA ALA B 110 8.99 -5.94 -14.74
C ALA B 110 9.11 -6.96 -13.62
N ALA B 111 8.38 -8.06 -13.69
CA ALA B 111 8.43 -9.09 -12.64
C ALA B 111 9.79 -9.76 -12.64
N VAL B 112 10.31 -10.09 -13.84
CA VAL B 112 11.67 -10.69 -13.91
C VAL B 112 12.68 -9.72 -13.34
N ASP B 113 12.56 -8.41 -13.65
CA ASP B 113 13.47 -7.43 -13.06
C ASP B 113 13.36 -7.44 -11.54
N GLU B 114 12.16 -7.46 -11.01
CA GLU B 114 11.98 -7.42 -9.55
C GLU B 114 12.60 -8.66 -8.91
N LEU B 115 12.47 -9.80 -9.56
CA LEU B 115 12.83 -11.09 -8.96
C LEU B 115 14.35 -11.28 -8.82
N GLN B 116 15.12 -10.60 -9.69
CA GLN B 116 16.57 -10.69 -9.59
C GLN B 116 17.04 -12.14 -9.52
N GLY B 117 16.42 -12.96 -10.35
CA GLY B 117 16.82 -14.36 -10.44
C GLY B 117 16.00 -15.32 -9.59
N ALA B 118 15.18 -14.81 -8.66
CA ALA B 118 14.51 -15.69 -7.73
C ALA B 118 13.32 -16.39 -8.39
N PRO B 119 13.07 -17.64 -8.01
CA PRO B 119 11.83 -18.31 -8.45
C PRO B 119 10.61 -17.53 -7.95
N LEU B 120 9.57 -17.51 -8.75
CA LEU B 120 8.29 -17.04 -8.28
C LEU B 120 7.57 -18.10 -7.46
N LEU B 121 6.80 -17.73 -6.44
CA LEU B 121 5.93 -18.69 -5.78
C LEU B 121 4.52 -18.58 -6.33
N PRO B 122 3.76 -19.65 -6.49
CA PRO B 122 2.39 -19.52 -7.03
C PRO B 122 1.47 -18.77 -6.06
N PHE B 123 0.45 -18.12 -6.60
CA PHE B 123 -0.56 -17.40 -5.84
C PHE B 123 -1.77 -18.29 -5.52
O1 PEO C . -2.56 0.47 -1.09
O2 PEO C . -1.95 -0.79 -0.69
CU CU D . -4.05 -1.69 0.86
CU CU D . -3.41 -1.15 0.20
CU CU E . -0.41 1.52 0.35
CU CU E . -1.15 1.31 -0.26
CU CU F . -15.31 27.41 5.74
N NO3 G . -15.69 11.99 3.99
O1 NO3 G . -16.87 12.17 4.18
O2 NO3 G . -15.16 11.22 3.21
O3 NO3 G . -14.92 12.65 4.66
N NO3 H . -7.74 15.46 15.65
O1 NO3 H . -8.80 15.70 15.11
O2 NO3 H . -7.41 16.18 16.58
O3 NO3 H . -6.99 14.56 15.32
N NO3 I . 7.12 -10.32 -2.73
O1 NO3 I . 7.77 -9.32 -2.52
O2 NO3 I . 6.43 -10.39 -3.73
O3 NO3 I . 7.15 -11.25 -1.95
CU CU J . -7.17 -12.62 -10.45
CU CU J . -4.02 -7.10 -9.13
N NO3 K . -1.81 -7.61 -9.54
O1 NO3 K . -2.33 -7.82 -8.45
O2 NO3 K . -1.24 -6.57 -9.78
O3 NO3 K . -1.89 -8.50 -10.35
N NO3 L . 6.18 -4.88 -24.21
O1 NO3 L . 5.25 -5.34 -24.84
O2 NO3 L . 7.32 -5.30 -24.35
O3 NO3 L . 5.92 -3.97 -23.46
#